data_6H38
#
_entry.id   6H38
#
_cell.length_a   66.100
_cell.length_b   89.240
_cell.length_c   44.200
_cell.angle_alpha   90.00
_cell.angle_beta   90.00
_cell.angle_gamma   90.00
#
_symmetry.space_group_name_H-M   'P 21 21 2'
#
loop_
_entity.id
_entity.type
_entity.pdbx_description
1 polymer 'Carbonic anhydrase 7'
2 non-polymer 'ZINC ION'
3 non-polymer 4-[4-[(4-fluorophenyl)methyl]piperazin-1-yl]carbonylbenzenesulfonamide
4 non-polymer GLYCEROL
5 water water
#
_entity_poly.entity_id   1
_entity_poly.type   'polypeptide(L)'
_entity_poly.pdbx_seq_one_letter_code
;MGMTGHHGWGYGQDDGPSHWHKLYPIAQGDRQSPINIISSQAVYSPSLQPLELSYEACMSLSITNNGHSVQVDFNDSDDR
TVVTGGPLEGPYRLKQFHFHWGKKHDVGSEHTVDGKSFPSELHLVHWNAKKYSTFGEAASAPDGLAVVGVFLETGDEHPS
MNRLTDALYMVRFKGTKAQFSCFNPKSLLPASRHYWTYPGSLTTPPLSESVTWIVLREPISISERQMGKFRSLLFTSEDD
ERIHMVNNFRPPQPLKGRVVKASFRALEHHHHHH
;
_entity_poly.pdbx_strand_id   A
#
loop_
_chem_comp.id
_chem_comp.type
_chem_comp.name
_chem_comp.formula
FKK non-polymer 4-[4-[(4-fluorophenyl)methyl]piperazin-1-yl]carbonylbenzenesulfonamide 'C18 H20 F N3 O3 S'
GOL non-polymer GLYCEROL 'C3 H8 O3'
ZN non-polymer 'ZINC ION' 'Zn 2'
#
# COMPACT_ATOMS: atom_id res chain seq x y z
N GLY A 8 -7.19 -5.81 -18.45
CA GLY A 8 -6.07 -6.55 -19.11
C GLY A 8 -5.20 -7.32 -18.12
N TRP A 9 -5.26 -6.90 -16.86
CA TRP A 9 -4.48 -7.57 -15.83
C TRP A 9 -5.33 -7.69 -14.57
N GLY A 10 -5.01 -8.69 -13.75
CA GLY A 10 -5.76 -8.90 -12.52
C GLY A 10 -4.97 -9.78 -11.59
N TYR A 11 -5.68 -10.53 -10.74
CA TYR A 11 -5.06 -11.43 -9.79
C TYR A 11 -5.62 -12.84 -9.91
N GLY A 12 -6.17 -13.16 -11.08
CA GLY A 12 -6.73 -14.47 -11.35
C GLY A 12 -5.69 -15.43 -11.92
N GLN A 13 -6.08 -16.69 -12.15
CA GLN A 13 -5.12 -17.67 -12.66
C GLN A 13 -4.58 -17.36 -14.05
N ASP A 14 -5.35 -16.62 -14.84
CA ASP A 14 -4.93 -16.31 -16.19
C ASP A 14 -4.32 -14.91 -16.38
N ASP A 15 -4.67 -13.96 -15.52
CA ASP A 15 -4.14 -12.61 -15.68
C ASP A 15 -3.34 -12.11 -14.48
N GLY A 16 -3.02 -13.03 -13.58
CA GLY A 16 -2.29 -12.70 -12.36
C GLY A 16 -0.84 -12.26 -12.48
N PRO A 17 -0.21 -11.89 -11.35
CA PRO A 17 1.18 -11.43 -11.29
C PRO A 17 2.22 -12.24 -12.07
N SER A 18 2.07 -13.56 -12.12
CA SER A 18 3.06 -14.36 -12.84
C SER A 18 3.05 -14.12 -14.34
N HIS A 19 2.02 -13.46 -14.82
CA HIS A 19 1.87 -13.20 -16.25
C HIS A 19 1.99 -11.73 -16.64
N TRP A 20 2.06 -10.84 -15.67
CA TRP A 20 2.13 -9.42 -15.98
C TRP A 20 3.26 -9.03 -16.92
N HIS A 21 4.40 -9.71 -16.82
CA HIS A 21 5.55 -9.38 -17.66
C HIS A 21 5.25 -9.50 -19.15
N LYS A 22 4.25 -10.31 -19.49
CA LYS A 22 3.86 -10.50 -20.88
C LYS A 22 3.27 -9.21 -21.46
N LEU A 23 2.82 -8.32 -20.57
CA LEU A 23 2.22 -7.06 -20.99
C LEU A 23 3.08 -5.84 -20.61
N TYR A 24 3.70 -5.90 -19.44
CA TYR A 24 4.56 -4.81 -18.94
C TYR A 24 5.92 -5.43 -18.65
N PRO A 25 6.81 -5.39 -19.64
CA PRO A 25 8.16 -5.95 -19.50
C PRO A 25 8.99 -5.43 -18.33
N ILE A 26 8.70 -4.21 -17.86
CA ILE A 26 9.49 -3.69 -16.75
C ILE A 26 9.27 -4.55 -15.50
N ALA A 27 8.29 -5.45 -15.57
CA ALA A 27 8.01 -6.34 -14.43
C ALA A 27 9.26 -7.15 -14.07
N GLN A 28 10.21 -7.23 -15.00
CA GLN A 28 11.44 -7.98 -14.78
C GLN A 28 12.61 -7.04 -14.55
N GLY A 29 12.32 -5.79 -14.21
CA GLY A 29 13.34 -4.78 -14.00
C GLY A 29 14.24 -4.97 -12.79
N ASP A 30 15.14 -4.00 -12.60
CA ASP A 30 16.10 -4.01 -11.51
C ASP A 30 15.66 -3.42 -10.18
N ARG A 31 14.49 -2.80 -10.11
CA ARG A 31 14.01 -2.29 -8.83
C ARG A 31 12.51 -2.51 -8.69
N GLN A 32 12.12 -3.78 -8.76
CA GLN A 32 10.71 -4.13 -8.64
C GLN A 32 10.31 -4.37 -7.18
N SER A 33 9.04 -4.14 -6.90
CA SER A 33 8.48 -4.35 -5.56
C SER A 33 7.29 -5.26 -5.72
N PRO A 34 6.87 -5.94 -4.64
CA PRO A 34 7.48 -5.88 -3.30
C PRO A 34 8.72 -6.78 -3.21
N ILE A 35 9.27 -6.86 -2.01
CA ILE A 35 10.44 -7.70 -1.77
C ILE A 35 10.32 -8.39 -0.42
N ASN A 36 11.18 -9.38 -0.19
CA ASN A 36 11.23 -10.08 1.07
C ASN A 36 12.35 -9.39 1.84
N ILE A 37 11.99 -8.80 2.96
CA ILE A 37 12.93 -8.08 3.79
C ILE A 37 13.62 -9.03 4.74
N ILE A 38 14.94 -9.18 4.56
CA ILE A 38 15.75 -10.05 5.42
C ILE A 38 16.24 -9.08 6.46
N SER A 39 15.60 -9.08 7.62
CA SER A 39 15.94 -8.12 8.67
C SER A 39 17.41 -8.05 9.05
N SER A 40 18.08 -9.20 9.11
CA SER A 40 19.50 -9.25 9.47
C SER A 40 20.41 -8.64 8.42
N GLN A 41 19.92 -8.53 7.19
CA GLN A 41 20.71 -7.97 6.11
C GLN A 41 20.39 -6.51 5.83
N ALA A 42 19.40 -5.97 6.53
CA ALA A 42 19.06 -4.57 6.34
C ALA A 42 20.20 -3.76 6.96
N VAL A 43 20.49 -2.60 6.38
CA VAL A 43 21.58 -1.76 6.87
C VAL A 43 21.08 -0.65 7.79
N TYR A 44 21.48 -0.70 9.06
CA TYR A 44 21.07 0.34 10.01
C TYR A 44 21.61 1.66 9.49
N SER A 45 20.71 2.62 9.28
CA SER A 45 21.13 3.92 8.76
C SER A 45 20.69 5.06 9.67
N PRO A 46 21.49 5.34 10.72
CA PRO A 46 21.19 6.41 11.67
C PRO A 46 21.22 7.80 11.06
N SER A 47 21.72 7.92 9.83
CA SER A 47 21.79 9.20 9.15
C SER A 47 20.45 9.66 8.57
N LEU A 48 19.49 8.74 8.54
CA LEU A 48 18.15 9.06 8.01
C LEU A 48 17.42 9.98 8.98
N GLN A 49 16.64 10.91 8.45
CA GLN A 49 15.88 11.83 9.29
C GLN A 49 14.63 11.14 9.86
N PRO A 50 14.09 11.67 10.98
CA PRO A 50 12.90 11.06 11.56
C PRO A 50 11.76 11.04 10.56
N LEU A 51 11.03 9.94 10.51
CA LEU A 51 9.90 9.83 9.59
C LEU A 51 8.70 10.52 10.20
N GLU A 52 8.12 11.47 9.49
CA GLU A 52 6.96 12.16 9.99
C GLU A 52 5.78 12.06 9.05
N LEU A 53 4.67 11.60 9.58
CA LEU A 53 3.43 11.47 8.84
C LEU A 53 2.51 12.52 9.40
N SER A 54 2.42 13.66 8.71
CA SER A 54 1.60 14.79 9.13
C SER A 54 0.29 14.81 8.37
N TYR A 55 -0.71 14.16 8.95
CA TYR A 55 -2.02 14.05 8.33
C TYR A 55 -3.15 14.83 8.99
N GLU A 56 -3.93 15.54 8.18
CA GLU A 56 -5.09 16.31 8.63
C GLU A 56 -6.22 15.30 8.79
N ALA A 57 -7.25 15.66 9.54
CA ALA A 57 -8.38 14.76 9.76
C ALA A 57 -9.45 14.77 8.66
N CYS A 58 -9.59 15.87 7.93
CA CYS A 58 -10.62 15.90 6.90
C CYS A 58 -10.13 16.22 5.51
N MET A 59 -9.33 15.31 4.95
CA MET A 59 -8.81 15.45 3.61
C MET A 59 -9.31 14.30 2.72
N SER A 60 -9.99 13.33 3.33
CA SER A 60 -10.49 12.18 2.58
C SER A 60 -11.68 12.58 1.75
N LEU A 61 -11.80 11.98 0.58
CA LEU A 61 -12.90 12.31 -0.32
C LEU A 61 -13.91 11.19 -0.50
N SER A 62 -13.42 10.02 -0.90
CA SER A 62 -14.31 8.91 -1.17
C SER A 62 -13.63 7.56 -0.99
N ILE A 63 -14.46 6.52 -1.03
CA ILE A 63 -13.97 5.16 -0.92
C ILE A 63 -14.49 4.47 -2.18
N THR A 64 -13.61 3.75 -2.88
CA THR A 64 -13.97 3.14 -4.14
C THR A 64 -13.48 1.70 -4.32
N ASN A 65 -14.29 0.88 -4.99
CA ASN A 65 -13.89 -0.50 -5.30
C ASN A 65 -13.54 -0.34 -6.78
N ASN A 66 -12.25 -0.36 -7.09
CA ASN A 66 -11.81 -0.19 -8.47
C ASN A 66 -11.55 -1.51 -9.19
N GLY A 67 -11.98 -2.62 -8.58
CA GLY A 67 -11.79 -3.91 -9.20
C GLY A 67 -10.49 -4.60 -8.83
N HIS A 68 -9.58 -3.84 -8.23
CA HIS A 68 -8.28 -4.39 -7.83
C HIS A 68 -8.07 -4.28 -6.33
N SER A 69 -8.73 -3.32 -5.71
CA SER A 69 -8.60 -3.11 -4.26
C SER A 69 -9.71 -2.14 -3.87
N VAL A 70 -9.72 -1.74 -2.60
CA VAL A 70 -10.66 -0.73 -2.15
C VAL A 70 -9.73 0.45 -1.85
N GLN A 71 -10.06 1.61 -2.39
CA GLN A 71 -9.19 2.78 -2.26
C GLN A 71 -9.88 4.02 -1.74
N VAL A 72 -9.20 4.72 -0.84
CA VAL A 72 -9.72 5.98 -0.27
C VAL A 72 -8.85 7.07 -0.89
N ASP A 73 -9.49 8.00 -1.60
CA ASP A 73 -8.78 9.09 -2.25
C ASP A 73 -8.79 10.36 -1.41
N PHE A 74 -7.76 11.19 -1.58
CA PHE A 74 -7.60 12.42 -0.83
C PHE A 74 -7.46 13.67 -1.66
N ASN A 75 -7.80 14.79 -1.02
CA ASN A 75 -7.65 16.10 -1.62
C ASN A 75 -6.14 16.33 -1.52
N ASP A 76 -5.46 16.51 -2.65
CA ASP A 76 -4.01 16.74 -2.62
C ASP A 76 -3.64 18.07 -3.26
N SER A 77 -4.46 19.09 -2.99
CA SER A 77 -4.26 20.43 -3.53
C SER A 77 -3.10 21.19 -2.89
N ASP A 78 -2.82 20.90 -1.63
CA ASP A 78 -1.72 21.55 -0.93
C ASP A 78 -0.95 20.51 -0.15
N ASP A 79 -0.03 20.96 0.70
CA ASP A 79 0.78 20.05 1.49
C ASP A 79 0.29 19.88 2.91
N ARG A 80 -1.01 19.68 3.09
CA ARG A 80 -1.56 19.49 4.42
C ARG A 80 -1.23 18.08 4.92
N THR A 81 -1.64 17.07 4.17
CA THR A 81 -1.38 15.67 4.54
C THR A 81 -0.17 15.14 3.75
N VAL A 82 1.00 15.17 4.38
CA VAL A 82 2.22 14.72 3.72
C VAL A 82 3.07 13.79 4.57
N VAL A 83 4.04 13.16 3.91
CA VAL A 83 4.99 12.35 4.62
C VAL A 83 6.29 13.08 4.35
N THR A 84 7.16 13.13 5.36
CA THR A 84 8.42 13.79 5.20
C THR A 84 9.46 13.07 6.06
N GLY A 85 10.73 13.39 5.86
CA GLY A 85 11.77 12.75 6.64
C GLY A 85 12.17 11.38 6.15
N GLY A 86 12.81 10.60 7.02
CA GLY A 86 13.25 9.28 6.63
C GLY A 86 14.17 9.44 5.44
N PRO A 87 13.97 8.68 4.36
CA PRO A 87 14.81 8.77 3.15
C PRO A 87 14.39 9.87 2.18
N LEU A 88 13.31 10.57 2.50
CA LEU A 88 12.79 11.59 1.61
C LEU A 88 13.48 12.95 1.71
N GLU A 89 13.77 13.53 0.55
CA GLU A 89 14.42 14.82 0.46
C GLU A 89 13.47 15.99 0.70
N GLY A 90 12.18 15.75 0.53
CA GLY A 90 11.19 16.79 0.76
C GLY A 90 9.85 16.15 1.06
N PRO A 91 8.77 16.95 1.16
CA PRO A 91 7.47 16.36 1.46
C PRO A 91 6.79 15.75 0.23
N TYR A 92 6.04 14.67 0.45
CA TYR A 92 5.28 14.01 -0.61
C TYR A 92 3.82 14.04 -0.13
N ARG A 93 2.91 14.48 -0.99
CA ARG A 93 1.49 14.59 -0.63
C ARG A 93 0.71 13.30 -0.77
N LEU A 94 -0.13 13.00 0.21
CA LEU A 94 -0.95 11.77 0.18
C LEU A 94 -2.03 11.87 -0.90
N LYS A 95 -2.01 10.92 -1.82
CA LYS A 95 -3.02 10.91 -2.88
C LYS A 95 -4.13 9.92 -2.57
N GLN A 96 -3.77 8.78 -2.00
CA GLN A 96 -4.75 7.75 -1.74
C GLN A 96 -4.13 6.64 -0.91
N PHE A 97 -4.98 5.80 -0.31
CA PHE A 97 -4.48 4.61 0.37
C PHE A 97 -5.38 3.45 -0.05
N HIS A 98 -4.84 2.24 -0.03
CA HIS A 98 -5.58 1.07 -0.41
C HIS A 98 -4.95 -0.12 0.29
N PHE A 99 -5.50 -1.32 0.08
CA PHE A 99 -4.99 -2.52 0.73
C PHE A 99 -4.80 -3.69 -0.21
N HIS A 100 -4.04 -4.69 0.26
CA HIS A 100 -3.82 -5.94 -0.45
C HIS A 100 -4.06 -6.98 0.64
N TRP A 101 -4.80 -8.04 0.33
CA TRP A 101 -5.06 -9.05 1.34
C TRP A 101 -5.24 -10.46 0.76
N GLY A 102 -5.28 -11.45 1.63
CA GLY A 102 -5.42 -12.82 1.17
C GLY A 102 -6.69 -13.51 1.60
N LYS A 103 -6.67 -14.84 1.55
CA LYS A 103 -7.82 -15.63 1.92
C LYS A 103 -7.61 -16.28 3.29
N LYS A 104 -6.37 -16.27 3.76
CA LYS A 104 -6.02 -16.85 5.06
C LYS A 104 -5.00 -15.97 5.74
N HIS A 105 -4.87 -16.11 7.05
CA HIS A 105 -3.93 -15.29 7.81
C HIS A 105 -2.47 -15.47 7.40
N ASP A 106 -2.16 -16.57 6.72
CA ASP A 106 -0.78 -16.82 6.32
C ASP A 106 -0.39 -16.11 5.03
N VAL A 107 -1.35 -15.46 4.37
CA VAL A 107 -1.06 -14.75 3.12
C VAL A 107 -1.91 -13.50 2.91
N GLY A 108 -1.38 -12.58 2.10
CA GLY A 108 -2.11 -11.36 1.82
C GLY A 108 -1.22 -10.15 1.62
N SER A 109 -0.19 -10.01 2.45
CA SER A 109 0.70 -8.87 2.31
C SER A 109 1.56 -9.02 1.06
N GLU A 110 2.12 -7.92 0.59
CA GLU A 110 2.98 -7.93 -0.59
C GLU A 110 4.42 -8.08 -0.10
N HIS A 111 4.84 -7.20 0.78
CA HIS A 111 6.16 -7.34 1.35
C HIS A 111 6.07 -8.47 2.36
N THR A 112 7.20 -9.11 2.62
CA THR A 112 7.26 -10.17 3.63
C THR A 112 8.49 -9.84 4.44
N VAL A 113 8.55 -10.34 5.68
CA VAL A 113 9.69 -10.09 6.54
C VAL A 113 10.23 -11.45 6.95
N ASP A 114 11.48 -11.71 6.56
CA ASP A 114 12.12 -12.98 6.84
C ASP A 114 11.25 -14.15 6.40
N GLY A 115 10.57 -13.97 5.27
CA GLY A 115 9.71 -15.00 4.72
C GLY A 115 8.30 -15.04 5.25
N LYS A 116 8.01 -14.21 6.25
CA LYS A 116 6.68 -14.17 6.83
C LYS A 116 5.77 -13.15 6.16
N SER A 117 4.55 -13.59 5.85
CA SER A 117 3.55 -12.71 5.25
C SER A 117 2.53 -12.37 6.31
N PHE A 118 1.84 -11.25 6.12
CA PHE A 118 0.78 -10.83 7.04
C PHE A 118 -0.52 -10.96 6.26
N PRO A 119 -1.66 -11.04 6.96
CA PRO A 119 -2.92 -11.18 6.22
C PRO A 119 -3.29 -10.04 5.31
N SER A 120 -2.72 -8.86 5.54
CA SER A 120 -3.02 -7.71 4.69
C SER A 120 -1.93 -6.65 4.81
N GLU A 121 -1.88 -5.75 3.84
CA GLU A 121 -0.88 -4.69 3.86
C GLU A 121 -1.58 -3.44 3.34
N LEU A 122 -1.41 -2.36 4.08
CA LEU A 122 -1.98 -1.04 3.74
C LEU A 122 -0.90 -0.24 3.05
N HIS A 123 -1.28 0.45 1.97
CA HIS A 123 -0.35 1.28 1.22
C HIS A 123 -0.86 2.73 1.18
N LEU A 124 -0.11 3.63 1.79
CA LEU A 124 -0.44 5.07 1.82
C LEU A 124 0.46 5.63 0.72
N VAL A 125 -0.16 6.03 -0.39
CA VAL A 125 0.54 6.49 -1.58
C VAL A 125 0.68 8.00 -1.63
N HIS A 126 1.92 8.47 -1.70
CA HIS A 126 2.21 9.90 -1.73
C HIS A 126 3.02 10.26 -2.97
N TRP A 127 2.90 11.50 -3.44
CA TRP A 127 3.66 11.91 -4.61
C TRP A 127 4.39 13.24 -4.40
N ASN A 128 5.45 13.42 -5.19
CA ASN A 128 6.31 14.61 -5.14
C ASN A 128 5.63 15.74 -5.94
N ALA A 129 4.65 16.39 -5.33
CA ALA A 129 3.90 17.46 -5.99
C ALA A 129 4.68 18.76 -6.14
N LYS A 130 5.78 18.86 -5.43
CA LYS A 130 6.59 20.06 -5.49
C LYS A 130 7.42 20.04 -6.76
N LYS A 131 7.67 18.83 -7.27
CA LYS A 131 8.48 18.67 -8.48
C LYS A 131 7.68 18.37 -9.73
N TYR A 132 6.62 17.58 -9.57
CA TYR A 132 5.79 17.18 -10.71
C TYR A 132 4.41 17.81 -10.71
N SER A 133 3.85 18.01 -11.90
CA SER A 133 2.55 18.65 -12.07
C SER A 133 1.35 17.76 -11.74
N THR A 134 1.46 16.48 -12.07
CA THR A 134 0.37 15.57 -11.80
C THR A 134 0.88 14.33 -11.11
N PHE A 135 -0.03 13.62 -10.46
CA PHE A 135 0.33 12.39 -9.79
C PHE A 135 0.81 11.45 -10.90
N GLY A 136 0.08 11.44 -12.02
CA GLY A 136 0.46 10.58 -13.12
C GLY A 136 1.85 10.89 -13.65
N GLU A 137 2.19 12.16 -13.66
CA GLU A 137 3.50 12.59 -14.12
C GLU A 137 4.54 12.08 -13.13
N ALA A 138 4.22 12.20 -11.84
CA ALA A 138 5.15 11.73 -10.81
C ALA A 138 5.29 10.21 -10.81
N ALA A 139 4.18 9.50 -11.06
CA ALA A 139 4.21 8.05 -11.05
C ALA A 139 5.19 7.43 -12.05
N SER A 140 5.76 8.25 -12.93
CA SER A 140 6.72 7.73 -13.90
C SER A 140 8.17 8.01 -13.60
N ALA A 141 8.45 8.96 -12.71
CA ALA A 141 9.81 9.36 -12.35
C ALA A 141 10.39 8.61 -11.17
N PRO A 142 11.71 8.33 -11.17
CA PRO A 142 12.32 7.60 -10.05
C PRO A 142 12.10 8.18 -8.65
N ASP A 143 11.97 9.48 -8.55
CA ASP A 143 11.77 10.13 -7.25
C ASP A 143 10.34 10.66 -7.17
N GLY A 144 9.44 10.09 -7.97
CA GLY A 144 8.08 10.60 -7.98
C GLY A 144 7.14 10.22 -6.86
N LEU A 145 7.25 8.99 -6.39
CA LEU A 145 6.34 8.49 -5.36
C LEU A 145 7.03 8.00 -4.09
N ALA A 146 6.26 8.03 -3.01
CA ALA A 146 6.72 7.53 -1.71
C ALA A 146 5.53 6.78 -1.16
N VAL A 147 5.67 5.47 -1.02
CA VAL A 147 4.57 4.69 -0.49
C VAL A 147 4.97 4.15 0.88
N VAL A 148 4.12 4.39 1.86
CA VAL A 148 4.35 3.91 3.23
C VAL A 148 3.50 2.65 3.37
N GLY A 149 4.15 1.54 3.69
CA GLY A 149 3.43 0.30 3.84
C GLY A 149 3.27 -0.04 5.31
N VAL A 150 2.08 -0.49 5.68
CA VAL A 150 1.77 -0.86 7.05
C VAL A 150 1.18 -2.27 7.04
N PHE A 151 1.80 -3.18 7.77
CA PHE A 151 1.29 -4.53 7.84
C PHE A 151 0.09 -4.60 8.76
N LEU A 152 -0.86 -5.46 8.44
CA LEU A 152 -2.03 -5.67 9.29
C LEU A 152 -2.00 -7.13 9.77
N GLU A 153 -2.24 -7.33 11.06
CA GLU A 153 -2.30 -8.68 11.59
C GLU A 153 -3.70 -8.80 12.17
N THR A 154 -4.19 -10.01 12.36
CA THR A 154 -5.51 -10.13 12.94
C THR A 154 -5.35 -10.39 14.42
N GLY A 155 -6.20 -9.74 15.20
CA GLY A 155 -6.16 -9.86 16.65
C GLY A 155 -7.33 -9.07 17.20
N ASP A 156 -7.05 -8.06 18.02
CA ASP A 156 -8.13 -7.26 18.59
C ASP A 156 -8.75 -6.33 17.56
N GLU A 157 -10.02 -6.03 17.75
CA GLU A 157 -10.74 -5.13 16.84
C GLU A 157 -10.05 -3.76 16.87
N HIS A 158 -10.03 -3.10 15.71
CA HIS A 158 -9.42 -1.79 15.57
C HIS A 158 -10.57 -0.79 15.52
N PRO A 159 -10.72 0.03 16.56
CA PRO A 159 -11.80 1.02 16.65
C PRO A 159 -12.00 1.89 15.41
N SER A 160 -10.94 2.58 14.99
CA SER A 160 -11.07 3.47 13.84
C SER A 160 -11.34 2.75 12.54
N MET A 161 -10.84 1.52 12.42
CA MET A 161 -11.05 0.74 11.21
C MET A 161 -12.54 0.48 10.97
N ASN A 162 -13.33 0.41 12.03
CA ASN A 162 -14.76 0.15 11.88
C ASN A 162 -15.46 1.07 10.90
N ARG A 163 -15.11 2.35 10.90
CA ARG A 163 -15.72 3.28 9.97
C ARG A 163 -15.47 2.84 8.55
N LEU A 164 -14.27 2.31 8.30
CA LEU A 164 -13.91 1.88 6.98
C LEU A 164 -14.54 0.52 6.64
N THR A 165 -14.42 -0.45 7.54
CA THR A 165 -14.99 -1.74 7.22
C THR A 165 -16.52 -1.71 7.09
N ASP A 166 -17.18 -0.81 7.83
CA ASP A 166 -18.64 -0.68 7.74
C ASP A 166 -19.06 -0.12 6.38
N ALA A 167 -18.16 0.64 5.75
CA ALA A 167 -18.47 1.23 4.45
C ALA A 167 -18.29 0.29 3.27
N LEU A 168 -17.63 -0.83 3.48
CA LEU A 168 -17.36 -1.77 2.39
C LEU A 168 -18.58 -2.36 1.68
N TYR A 169 -19.67 -2.54 2.42
CA TYR A 169 -20.88 -3.11 1.82
C TYR A 169 -21.35 -2.30 0.62
N MET A 170 -21.32 -0.98 0.74
CA MET A 170 -21.78 -0.13 -0.35
C MET A 170 -20.84 -0.07 -1.55
N VAL A 171 -19.64 -0.62 -1.41
CA VAL A 171 -18.72 -0.66 -2.53
C VAL A 171 -18.29 -2.12 -2.75
N ARG A 172 -19.19 -3.05 -2.45
CA ARG A 172 -18.83 -4.46 -2.62
C ARG A 172 -18.63 -4.82 -4.08
N PHE A 173 -19.34 -4.16 -4.98
CA PHE A 173 -19.20 -4.44 -6.41
C PHE A 173 -18.17 -3.54 -7.07
N LYS A 174 -17.45 -4.11 -8.05
CA LYS A 174 -16.46 -3.36 -8.80
C LYS A 174 -17.08 -2.14 -9.47
N GLY A 175 -16.38 -1.02 -9.44
CA GLY A 175 -16.88 0.19 -10.08
C GLY A 175 -17.86 1.03 -9.28
N THR A 176 -17.93 0.82 -7.98
CA THR A 176 -18.83 1.60 -7.14
C THR A 176 -18.00 2.42 -6.17
N LYS A 177 -18.55 3.57 -5.78
CA LYS A 177 -17.87 4.44 -4.83
C LYS A 177 -18.86 5.10 -3.89
N ALA A 178 -18.33 5.66 -2.81
CA ALA A 178 -19.16 6.34 -1.82
C ALA A 178 -18.37 7.47 -1.18
N GLN A 179 -19.10 8.44 -0.64
CA GLN A 179 -18.47 9.57 0.01
C GLN A 179 -17.83 9.04 1.29
N PHE A 180 -16.63 9.54 1.59
CA PHE A 180 -15.91 9.10 2.78
C PHE A 180 -15.18 10.32 3.34
N SER A 181 -15.91 11.11 4.11
CA SER A 181 -15.36 12.33 4.67
C SER A 181 -14.80 12.23 6.08
N CYS A 182 -13.80 13.06 6.33
CA CYS A 182 -13.14 13.17 7.60
C CYS A 182 -12.64 11.87 8.20
N PHE A 183 -11.96 11.07 7.39
CA PHE A 183 -11.35 9.86 7.91
C PHE A 183 -9.88 10.24 7.98
N ASN A 184 -9.27 10.14 9.15
CA ASN A 184 -7.87 10.49 9.30
C ASN A 184 -7.01 9.26 9.16
N PRO A 185 -6.22 9.19 8.08
CA PRO A 185 -5.35 8.03 7.87
C PRO A 185 -4.35 7.83 9.01
N LYS A 186 -4.16 8.83 9.86
CA LYS A 186 -3.22 8.67 10.97
C LYS A 186 -3.77 7.59 11.90
N SER A 187 -5.09 7.39 11.89
CA SER A 187 -5.72 6.40 12.75
C SER A 187 -5.34 4.97 12.38
N LEU A 188 -4.74 4.78 11.21
CA LEU A 188 -4.33 3.44 10.77
C LEU A 188 -2.81 3.20 10.92
N LEU A 189 -2.15 4.06 11.67
CA LEU A 189 -0.72 3.94 11.88
C LEU A 189 -0.41 3.32 13.24
N PRO A 190 0.72 2.61 13.34
CA PRO A 190 1.11 2.00 14.62
C PRO A 190 1.77 3.09 15.45
N ALA A 191 2.01 2.80 16.73
CA ALA A 191 2.63 3.79 17.62
C ALA A 191 4.12 4.00 17.34
N SER A 192 4.71 3.13 16.54
CA SER A 192 6.13 3.27 16.20
C SER A 192 6.33 3.82 14.79
N ARG A 193 7.39 4.59 14.60
CA ARG A 193 7.70 5.16 13.29
C ARG A 193 8.99 4.55 12.74
N HIS A 194 9.37 3.38 13.25
CA HIS A 194 10.56 2.71 12.74
C HIS A 194 10.21 2.06 11.42
N TYR A 195 11.18 1.97 10.51
CA TYR A 195 10.89 1.43 9.20
C TYR A 195 12.08 0.90 8.43
N TRP A 196 11.77 0.24 7.31
CA TRP A 196 12.77 -0.26 6.38
C TRP A 196 12.47 0.56 5.13
N THR A 197 13.50 0.87 4.36
CA THR A 197 13.29 1.63 3.13
C THR A 197 14.21 1.15 2.04
N TYR A 198 13.71 1.19 0.80
CA TYR A 198 14.50 0.76 -0.34
C TYR A 198 13.87 1.33 -1.60
N PRO A 199 14.66 1.48 -2.69
CA PRO A 199 14.15 2.00 -3.94
C PRO A 199 13.41 0.89 -4.67
N GLY A 200 12.16 1.15 -5.04
CA GLY A 200 11.36 0.13 -5.70
C GLY A 200 10.42 0.60 -6.79
N SER A 201 9.26 -0.06 -6.88
CA SER A 201 8.29 0.23 -7.93
C SER A 201 6.85 0.12 -7.49
N LEU A 202 5.94 0.47 -8.41
CA LEU A 202 4.53 0.30 -8.15
C LEU A 202 4.42 -1.24 -8.16
N THR A 203 3.51 -1.79 -7.35
CA THR A 203 3.34 -3.24 -7.30
C THR A 203 2.22 -3.71 -8.23
N THR A 204 1.63 -2.79 -8.97
CA THR A 204 0.61 -3.13 -9.96
C THR A 204 1.05 -2.46 -11.25
N PRO A 205 0.55 -2.93 -12.40
CA PRO A 205 0.90 -2.32 -13.68
C PRO A 205 0.62 -0.82 -13.53
N PRO A 206 1.39 0.04 -14.21
CA PRO A 206 2.50 -0.18 -15.13
C PRO A 206 3.81 -0.65 -14.51
N LEU A 207 3.81 -0.86 -13.19
CA LEU A 207 4.99 -1.36 -12.48
C LEU A 207 6.21 -0.44 -12.57
N SER A 208 5.97 0.84 -12.83
CA SER A 208 7.08 1.80 -12.95
C SER A 208 7.95 1.86 -11.70
N GLU A 209 9.26 2.03 -11.91
CA GLU A 209 10.24 2.06 -10.82
C GLU A 209 10.40 3.48 -10.33
N SER A 210 9.31 3.96 -9.75
CA SER A 210 9.21 5.34 -9.30
C SER A 210 8.91 5.48 -7.82
N VAL A 211 9.02 4.39 -7.06
CA VAL A 211 8.64 4.46 -5.66
C VAL A 211 9.76 4.30 -4.65
N THR A 212 9.79 5.20 -3.67
CA THR A 212 10.73 5.06 -2.57
C THR A 212 9.82 4.36 -1.57
N TRP A 213 10.14 3.13 -1.23
CA TRP A 213 9.34 2.37 -0.28
C TRP A 213 9.73 2.60 1.16
N ILE A 214 8.74 2.80 2.02
CA ILE A 214 8.94 2.97 3.45
C ILE A 214 8.00 1.98 4.12
N VAL A 215 8.54 0.86 4.57
CA VAL A 215 7.72 -0.17 5.18
C VAL A 215 7.87 -0.11 6.69
N LEU A 216 6.78 0.22 7.39
CA LEU A 216 6.85 0.31 8.83
C LEU A 216 7.12 -1.04 9.50
N ARG A 217 7.97 -1.01 10.52
CA ARG A 217 8.33 -2.20 11.27
C ARG A 217 7.16 -2.82 12.05
N GLU A 218 6.37 -1.98 12.70
CA GLU A 218 5.26 -2.45 13.55
C GLU A 218 3.92 -2.57 12.83
N PRO A 219 3.27 -3.72 12.92
CA PRO A 219 1.97 -3.85 12.25
C PRO A 219 0.86 -3.34 13.14
N ILE A 220 -0.31 -3.12 12.56
CA ILE A 220 -1.47 -2.71 13.34
C ILE A 220 -2.33 -3.95 13.32
N SER A 221 -3.26 -4.07 14.24
CA SER A 221 -4.11 -5.26 14.23
C SER A 221 -5.56 -4.89 14.07
N ILE A 222 -6.31 -5.75 13.40
CA ILE A 222 -7.74 -5.56 13.24
C ILE A 222 -8.31 -6.93 13.54
N SER A 223 -9.60 -7.00 13.84
CA SER A 223 -10.19 -8.30 14.16
C SER A 223 -10.45 -9.14 12.92
N GLU A 224 -10.71 -10.42 13.12
CA GLU A 224 -11.00 -11.31 12.01
C GLU A 224 -12.30 -10.83 11.35
N ARG A 225 -13.23 -10.35 12.16
CA ARG A 225 -14.50 -9.87 11.61
C ARG A 225 -14.22 -8.73 10.64
N GLN A 226 -13.36 -7.81 11.05
CA GLN A 226 -13.03 -6.68 10.17
C GLN A 226 -12.30 -7.16 8.92
N MET A 227 -11.37 -8.10 9.08
CA MET A 227 -10.65 -8.63 7.93
C MET A 227 -11.65 -9.28 6.97
N GLY A 228 -12.63 -9.98 7.55
CA GLY A 228 -13.64 -10.63 6.72
C GLY A 228 -14.40 -9.64 5.86
N LYS A 229 -14.55 -8.41 6.34
CA LYS A 229 -15.28 -7.40 5.57
C LYS A 229 -14.56 -7.11 4.26
N PHE A 230 -13.22 -7.18 4.27
CA PHE A 230 -12.45 -6.96 3.05
C PHE A 230 -12.68 -8.12 2.10
N ARG A 231 -12.72 -9.33 2.63
CA ARG A 231 -12.92 -10.50 1.80
C ARG A 231 -14.33 -10.58 1.22
N SER A 232 -15.25 -9.76 1.75
CA SER A 232 -16.62 -9.76 1.24
C SER A 232 -16.71 -8.92 -0.02
N LEU A 233 -15.66 -8.15 -0.32
CA LEU A 233 -15.64 -7.34 -1.53
C LEU A 233 -15.53 -8.25 -2.75
N LEU A 234 -15.92 -7.73 -3.91
CA LEU A 234 -15.88 -8.51 -5.14
C LEU A 234 -15.02 -7.91 -6.23
N PHE A 235 -14.35 -8.78 -6.99
CA PHE A 235 -13.52 -8.38 -8.12
C PHE A 235 -14.48 -8.02 -9.26
N THR A 236 -15.71 -8.50 -9.12
CA THR A 236 -16.74 -8.35 -10.16
C THR A 236 -17.84 -7.32 -9.96
N SER A 237 -18.44 -6.94 -11.08
CA SER A 237 -19.53 -5.96 -11.09
C SER A 237 -20.84 -6.63 -10.68
N GLU A 238 -21.85 -5.81 -10.40
CA GLU A 238 -23.14 -6.29 -9.96
C GLU A 238 -23.80 -7.41 -10.79
N ASP A 239 -23.94 -7.19 -12.10
CA ASP A 239 -24.57 -8.20 -12.96
C ASP A 239 -23.60 -9.24 -13.50
N ASP A 240 -22.70 -9.73 -12.65
CA ASP A 240 -21.72 -10.73 -13.06
C ASP A 240 -21.63 -11.85 -12.04
N GLU A 241 -21.06 -12.97 -12.46
CA GLU A 241 -20.87 -14.10 -11.57
C GLU A 241 -19.90 -13.63 -10.51
N ARG A 242 -20.34 -13.61 -9.26
CA ARG A 242 -19.53 -13.15 -8.15
C ARG A 242 -18.20 -13.87 -7.94
N ILE A 243 -17.13 -13.07 -7.83
CA ILE A 243 -15.79 -13.59 -7.56
C ILE A 243 -15.25 -12.65 -6.49
N HIS A 244 -14.99 -13.20 -5.31
CA HIS A 244 -14.51 -12.40 -4.20
C HIS A 244 -13.11 -11.86 -4.40
N MET A 245 -12.93 -10.62 -3.97
CA MET A 245 -11.63 -9.95 -4.06
C MET A 245 -10.75 -10.45 -2.92
N VAL A 246 -9.83 -11.35 -3.25
CA VAL A 246 -8.88 -11.91 -2.29
C VAL A 246 -7.58 -12.21 -3.03
N ASN A 247 -6.48 -12.32 -2.29
CA ASN A 247 -5.16 -12.58 -2.89
C ASN A 247 -4.85 -11.56 -3.96
N ASN A 248 -5.19 -10.30 -3.68
CA ASN A 248 -4.92 -9.24 -4.64
C ASN A 248 -3.56 -8.62 -4.31
N PHE A 249 -2.55 -9.48 -4.26
CA PHE A 249 -1.20 -9.05 -3.96
C PHE A 249 -0.19 -9.60 -4.96
N ARG A 250 0.93 -8.89 -5.11
CA ARG A 250 2.04 -9.32 -5.97
C ARG A 250 3.08 -9.89 -5.01
N PRO A 251 3.66 -11.06 -5.34
CA PRO A 251 4.68 -11.71 -4.50
C PRO A 251 6.03 -11.00 -4.54
N PRO A 252 6.94 -11.36 -3.61
CA PRO A 252 8.27 -10.74 -3.57
C PRO A 252 9.04 -10.92 -4.87
N GLN A 253 9.76 -9.86 -5.25
CA GLN A 253 10.55 -9.82 -6.47
C GLN A 253 12.05 -9.80 -6.12
N PRO A 254 12.91 -10.14 -7.10
CA PRO A 254 14.35 -10.16 -6.87
C PRO A 254 14.93 -8.84 -6.38
N LEU A 255 15.77 -8.90 -5.35
CA LEU A 255 16.39 -7.73 -4.77
C LEU A 255 17.38 -7.07 -5.74
N LYS A 256 18.06 -7.91 -6.52
CA LYS A 256 19.01 -7.41 -7.51
C LYS A 256 20.10 -6.48 -6.96
N GLY A 257 20.61 -6.81 -5.78
CA GLY A 257 21.67 -6.00 -5.20
C GLY A 257 21.28 -4.70 -4.53
N ARG A 258 19.98 -4.41 -4.44
CA ARG A 258 19.55 -3.19 -3.79
C ARG A 258 19.81 -3.29 -2.29
N VAL A 259 20.02 -2.14 -1.66
CA VAL A 259 20.28 -2.09 -0.23
C VAL A 259 19.01 -1.71 0.54
N VAL A 260 18.63 -2.53 1.50
CA VAL A 260 17.47 -2.20 2.31
C VAL A 260 18.05 -1.53 3.55
N LYS A 261 17.57 -0.34 3.86
CA LYS A 261 18.05 0.38 5.04
C LYS A 261 17.00 0.26 6.14
N ALA A 262 17.45 0.36 7.38
CA ALA A 262 16.57 0.27 8.54
C ALA A 262 16.82 1.46 9.45
N SER A 263 15.76 2.00 10.04
CA SER A 263 15.90 3.16 10.93
C SER A 263 16.16 2.66 12.35
N PHE A 264 16.29 1.35 12.49
CA PHE A 264 16.50 0.74 13.80
C PHE A 264 17.43 -0.46 13.69
N ARG A 265 17.89 -0.93 14.86
CA ARG A 265 18.76 -2.09 14.93
C ARG A 265 17.89 -3.30 15.29
N ALA A 266 18.02 -4.36 14.52
CA ALA A 266 17.23 -5.57 14.76
C ALA A 266 17.59 -6.27 16.07
ZN ZN B . -0.50 -1.26 -3.13
C1 FKK C . 0.36 1.55 -6.01
N2 FKK C . -2.11 3.95 -9.80
C2 FKK C . 0.45 2.92 -5.83
O2 FKK C . 2.52 0.25 -5.48
N3 FKK C . -2.52 3.55 -12.60
C3 FKK C . -0.25 3.77 -6.67
O3 FKK C . -2.49 5.11 -7.91
S1 FKK C . 1.22 0.48 -4.91
O1 FKK C . 1.15 1.07 -3.61
C6 FKK C . -0.41 1.03 -7.04
C5 FKK C . -1.11 1.89 -7.87
C4 FKK C . -1.05 3.26 -7.70
C7 FKK C . -1.93 4.19 -8.48
C11 FKK C . -1.13 3.22 -10.60
C10 FKK C . -1.83 2.56 -11.76
C8 FKK C . -2.72 4.99 -10.63
C9 FKK C . -3.44 4.34 -11.79
C12 FKK C . -3.24 2.88 -13.69
C13 FKK C . -2.35 2.43 -14.83
C14 FKK C . -1.71 3.36 -15.64
C15 FKK C . -0.96 2.96 -16.73
C16 FKK C . -0.87 1.61 -16.99
F FKK C . -0.15 1.21 -18.06
C17 FKK C . -1.49 0.67 -16.23
C18 FKK C . -2.23 1.09 -15.14
N1 FKK C . 0.47 -0.93 -4.85
C1 GOL D . -5.02 -1.24 -6.39
O1 GOL D . -4.62 -1.73 -7.66
C2 GOL D . -5.20 0.26 -6.41
O2 GOL D . -6.15 0.64 -5.42
C3 GOL D . -3.89 0.97 -6.15
O3 GOL D . -3.93 2.29 -6.67
C1 GOL E . -11.92 17.37 1.84
O1 GOL E . -10.85 18.18 2.27
C2 GOL E . -13.25 18.07 2.05
O2 GOL E . -14.29 17.30 1.42
C3 GOL E . -13.57 18.24 3.52
O3 GOL E . -13.83 17.00 4.13
#